data_1GAR
#
_entry.id   1GAR
#
_cell.length_a   75.700
_cell.length_b   73.300
_cell.length_c   35.500
_cell.angle_alpha   90.00
_cell.angle_beta   94.30
_cell.angle_gamma   90.00
#
_symmetry.space_group_name_H-M   'P 1 21 1'
#
loop_
_entity.id
_entity.type
_entity.pdbx_description
1 polymer 'GLYCINAMIDE RIBONUCLEOTIDE TRANSFORMYLASE'
2 non-polymer 'N-[4-[[3-(2,4-DIAMINO-1,6-DIHYDRO-6-OXO-4-PYRIMIDINYL)-PROPYL]-[2-((2-OXO-2-((4-PHOSPHORIBOXY)-BUTYL)-AMINO)-ETHYL)-THIO-ACETYL]-AMINO]BENZOYL]-1-GLUTAMIC ACID'
3 water water
#
_entity_poly.entity_id   1
_entity_poly.type   'polypeptide(L)'
_entity_poly.pdbx_seq_one_letter_code
;MNIVVLISGNGSNLQAIIDACKTNKIKGTVRAVFSNKADAFGLERARQAGIATHTLIASAFDSREAYDRELIHEIDMYAP
DVVVLAGFMRILSPAFVSHYAGRLLNIHPSLLPKYPGLHTHRQALENGDEEHGTSVHFVTDELDGGPVILQAKVPVFAGD
SEDDITARVQTQEHAIYPLVISWFADGRLKMHENAAWLDGQRLPPQGYAADE
;
_entity_poly.pdbx_strand_id   A,B
#
loop_
_chem_comp.id
_chem_comp.type
_chem_comp.name
_chem_comp.formula
U89 non-polymer 'N-[4-[[3-(2,4-DIAMINO-1,6-DIHYDRO-6-OXO-4-PYRIMIDINYL)-PROPYL]-[2-((2-OXO-2-((4-PHOSPHORIBOXY)-BUTYL)-AMINO)-ETHYL)-THIO-ACETYL]-AMINO]BENZOYL]-1-GLUTAMIC ACID' 'C27 H38 N7 O12 P S'
#
# COMPACT_ATOMS: atom_id res chain seq x y z
N MET A 1 -12.49 8.31 15.84
CA MET A 1 -12.92 8.62 14.51
C MET A 1 -11.78 8.22 13.60
N ASN A 2 -12.12 8.05 12.34
CA ASN A 2 -11.23 7.50 11.32
C ASN A 2 -10.43 8.51 10.56
N ILE A 3 -9.12 8.40 10.57
CA ILE A 3 -8.20 9.32 9.93
C ILE A 3 -7.61 8.51 8.78
N VAL A 4 -7.41 9.05 7.58
CA VAL A 4 -6.77 8.38 6.47
C VAL A 4 -5.64 9.33 6.16
N VAL A 5 -4.38 8.90 6.13
CA VAL A 5 -3.33 9.86 5.86
C VAL A 5 -2.75 9.62 4.46
N LEU A 6 -2.48 10.68 3.71
CA LEU A 6 -1.90 10.56 2.40
C LEU A 6 -0.46 11.09 2.46
N ILE A 7 0.51 10.33 1.93
CA ILE A 7 1.91 10.67 1.98
C ILE A 7 2.50 10.49 0.59
N SER A 8 3.76 10.91 0.45
CA SER A 8 4.55 10.64 -0.72
C SER A 8 5.95 10.26 -0.27
N GLY A 9 6.37 10.48 0.99
CA GLY A 9 7.76 10.24 1.35
C GLY A 9 8.04 9.53 2.65
N ASN A 10 8.93 10.18 3.39
CA ASN A 10 9.50 9.66 4.60
C ASN A 10 8.44 9.37 5.59
N GLY A 11 7.52 10.27 5.85
CA GLY A 11 6.41 9.95 6.71
C GLY A 11 6.65 10.32 8.15
N SER A 12 7.53 11.28 8.45
CA SER A 12 7.81 11.65 9.83
C SER A 12 6.57 12.27 10.48
N ASN A 13 5.78 12.99 9.64
CA ASN A 13 4.54 13.61 10.10
C ASN A 13 3.46 12.59 10.32
N LEU A 14 3.42 11.54 9.50
CA LEU A 14 2.47 10.44 9.67
C LEU A 14 2.71 9.80 11.03
N GLN A 15 4.00 9.57 11.31
CA GLN A 15 4.44 8.91 12.52
C GLN A 15 4.04 9.75 13.73
N ALA A 16 4.21 11.08 13.68
CA ALA A 16 3.77 11.89 14.80
C ALA A 16 2.28 11.74 15.01
N ILE A 17 1.51 11.50 13.95
CA ILE A 17 0.07 11.33 14.03
C ILE A 17 -0.26 10.00 14.63
N ILE A 18 0.37 8.91 14.17
CA ILE A 18 0.21 7.54 14.71
C ILE A 18 0.51 7.50 16.21
N ASP A 19 1.64 8.10 16.64
CA ASP A 19 2.00 8.14 18.03
C ASP A 19 1.01 8.99 18.80
N ALA A 20 0.50 10.09 18.27
CA ALA A 20 -0.49 10.85 19.02
C ALA A 20 -1.78 10.07 19.13
N CYS A 21 -2.09 9.20 18.18
CA CYS A 21 -3.24 8.34 18.35
C CYS A 21 -2.90 7.24 19.33
N LYS A 22 -1.65 6.76 19.43
CA LYS A 22 -1.30 5.73 20.41
C LYS A 22 -1.48 6.20 21.86
N THR A 23 -0.96 7.38 22.18
CA THR A 23 -1.02 7.96 23.51
C THR A 23 -2.33 8.68 23.81
N ASN A 24 -3.35 8.41 23.00
CA ASN A 24 -4.69 8.97 23.09
C ASN A 24 -4.77 10.49 23.14
N LYS A 25 -3.80 11.17 22.54
CA LYS A 25 -3.82 12.63 22.43
C LYS A 25 -4.77 13.02 21.29
N ILE A 26 -4.85 12.25 20.19
CA ILE A 26 -5.87 12.45 19.15
C ILE A 26 -6.91 11.36 19.47
N LYS A 27 -8.19 11.70 19.42
CA LYS A 27 -9.25 10.78 19.77
C LYS A 27 -9.60 10.10 18.43
N GLY A 28 -8.71 9.24 17.96
CA GLY A 28 -8.89 8.71 16.63
C GLY A 28 -7.94 7.59 16.29
N THR A 29 -8.16 7.07 15.08
CA THR A 29 -7.52 5.87 14.59
C THR A 29 -7.12 6.21 13.17
N VAL A 30 -5.84 6.03 12.81
CA VAL A 30 -5.35 6.07 11.43
C VAL A 30 -5.76 4.71 10.86
N ARG A 31 -6.75 4.70 9.97
CA ARG A 31 -7.28 3.47 9.41
C ARG A 31 -6.57 3.03 8.17
N ALA A 32 -5.97 3.93 7.38
CA ALA A 32 -5.31 3.56 6.14
C ALA A 32 -4.32 4.64 5.80
N VAL A 33 -3.27 4.29 5.08
CA VAL A 33 -2.27 5.26 4.64
C VAL A 33 -2.17 5.06 3.12
N PHE A 34 -2.12 6.17 2.38
CA PHE A 34 -2.11 6.19 0.92
C PHE A 34 -0.89 6.86 0.40
N SER A 35 -0.27 6.34 -0.63
CA SER A 35 0.94 6.90 -1.19
C SER A 35 0.83 6.89 -2.69
N ASN A 36 1.47 7.89 -3.34
CA ASN A 36 1.62 7.91 -4.79
C ASN A 36 3.05 7.48 -5.18
N LYS A 37 3.87 7.07 -4.22
CA LYS A 37 5.20 6.54 -4.45
C LYS A 37 5.40 5.18 -3.80
N ALA A 38 5.75 4.18 -4.60
CA ALA A 38 5.91 2.83 -4.13
C ALA A 38 7.08 2.60 -3.18
N ASP A 39 8.13 3.40 -3.19
CA ASP A 39 9.25 3.20 -2.27
C ASP A 39 9.07 4.03 -1.00
N ALA A 40 8.00 4.80 -0.82
CA ALA A 40 7.92 5.74 0.30
C ALA A 40 8.15 5.11 1.66
N PHE A 41 9.12 5.57 2.45
CA PHE A 41 9.36 4.94 3.76
C PHE A 41 8.15 5.01 4.72
N GLY A 42 7.22 5.95 4.48
CA GLY A 42 6.01 6.10 5.26
C GLY A 42 5.13 4.85 5.22
N LEU A 43 5.21 4.12 4.10
CA LEU A 43 4.52 2.82 4.02
C LEU A 43 5.13 1.79 5.00
N GLU A 44 6.45 1.84 5.29
CA GLU A 44 7.06 0.97 6.28
C GLU A 44 6.70 1.34 7.73
N ARG A 45 6.48 2.62 8.04
CA ARG A 45 5.99 3.11 9.34
C ARG A 45 4.57 2.58 9.50
N ALA A 46 3.69 2.71 8.51
CA ALA A 46 2.37 2.09 8.54
C ALA A 46 2.43 0.55 8.74
N ARG A 47 3.20 -0.23 7.96
CA ARG A 47 3.34 -1.68 8.09
C ARG A 47 3.69 -2.11 9.53
N GLN A 48 4.68 -1.47 10.10
CA GLN A 48 5.07 -1.74 11.47
C GLN A 48 4.04 -1.41 12.53
N ALA A 49 3.17 -0.41 12.23
CA ALA A 49 2.05 -0.07 13.11
C ALA A 49 0.81 -0.86 12.75
N GLY A 50 0.92 -1.72 11.73
CA GLY A 50 -0.15 -2.61 11.31
C GLY A 50 -1.26 -1.84 10.63
N ILE A 51 -0.97 -0.79 9.90
CA ILE A 51 -2.03 -0.03 9.26
C ILE A 51 -1.93 -0.37 7.81
N ALA A 52 -3.12 -0.63 7.25
CA ALA A 52 -3.38 -0.88 5.83
C ALA A 52 -2.93 0.27 4.92
N THR A 53 -2.16 -0.10 3.89
CA THR A 53 -1.51 0.80 2.97
C THR A 53 -2.08 0.64 1.58
N HIS A 54 -2.07 1.65 0.72
CA HIS A 54 -2.44 1.45 -0.66
C HIS A 54 -1.56 2.40 -1.42
N THR A 55 -0.95 1.99 -2.50
CA THR A 55 -0.13 2.86 -3.31
C THR A 55 -0.74 2.96 -4.70
N LEU A 56 -1.10 4.19 -5.10
CA LEU A 56 -1.61 4.44 -6.43
C LEU A 56 -0.60 5.30 -7.19
N ILE A 57 -0.05 4.76 -8.25
CA ILE A 57 0.99 5.38 -9.07
C ILE A 57 0.33 6.01 -10.30
N ALA A 58 0.66 7.24 -10.68
CA ALA A 58 0.04 7.94 -11.82
C ALA A 58 0.15 7.21 -13.14
N SER A 59 1.28 6.62 -13.55
CA SER A 59 1.38 5.92 -14.85
C SER A 59 0.33 4.83 -15.04
N ALA A 60 -0.08 4.23 -13.93
CA ALA A 60 -1.08 3.20 -13.96
C ALA A 60 -2.46 3.72 -14.38
N PHE A 61 -2.68 5.03 -14.51
CA PHE A 61 -4.00 5.56 -14.80
C PHE A 61 -3.99 6.35 -16.08
N ASP A 62 -5.18 6.49 -16.65
CA ASP A 62 -5.36 7.08 -17.96
C ASP A 62 -5.46 8.60 -17.99
N SER A 63 -5.97 9.14 -16.88
CA SER A 63 -6.21 10.57 -16.76
C SER A 63 -6.16 10.99 -15.32
N ARG A 64 -5.92 12.28 -15.05
CA ARG A 64 -5.93 12.78 -13.68
C ARG A 64 -7.22 12.46 -12.94
N GLU A 65 -8.34 12.65 -13.60
CA GLU A 65 -9.67 12.35 -13.11
C GLU A 65 -9.78 10.86 -12.79
N ALA A 66 -9.21 10.02 -13.65
CA ALA A 66 -9.28 8.58 -13.40
C ALA A 66 -8.59 8.24 -12.07
N TYR A 67 -7.42 8.85 -11.82
CA TYR A 67 -6.62 8.64 -10.63
C TYR A 67 -7.40 9.04 -9.41
N ASP A 68 -7.97 10.24 -9.40
CA ASP A 68 -8.72 10.76 -8.27
C ASP A 68 -9.98 10.00 -8.05
N ARG A 69 -10.64 9.49 -9.10
CA ARG A 69 -11.85 8.71 -8.92
C ARG A 69 -11.51 7.44 -8.13
N GLU A 70 -10.43 6.74 -8.51
CA GLU A 70 -10.00 5.59 -7.78
C GLU A 70 -9.47 5.93 -6.40
N LEU A 71 -8.71 7.00 -6.23
CA LEU A 71 -8.20 7.44 -4.94
C LEU A 71 -9.42 7.64 -4.03
N ILE A 72 -10.54 8.23 -4.50
CA ILE A 72 -11.74 8.47 -3.68
C ILE A 72 -12.37 7.15 -3.30
N HIS A 73 -12.44 6.27 -4.28
CA HIS A 73 -13.03 4.95 -4.14
C HIS A 73 -12.36 4.18 -3.01
N GLU A 74 -11.02 4.16 -3.03
CA GLU A 74 -10.19 3.48 -2.03
C GLU A 74 -10.16 4.14 -0.66
N ILE A 75 -10.13 5.46 -0.58
CA ILE A 75 -10.20 6.18 0.69
C ILE A 75 -11.52 5.97 1.41
N ASP A 76 -12.62 5.88 0.68
CA ASP A 76 -13.94 5.82 1.27
C ASP A 76 -14.23 4.48 1.85
N MET A 77 -13.46 3.45 1.51
CA MET A 77 -13.63 2.12 2.10
C MET A 77 -13.41 2.23 3.60
N TYR A 78 -12.60 3.18 4.04
CA TYR A 78 -12.23 3.34 5.43
C TYR A 78 -13.10 4.36 6.18
N ALA A 79 -14.20 4.80 5.55
CA ALA A 79 -15.13 5.78 6.10
C ALA A 79 -14.46 6.91 6.87
N PRO A 80 -13.65 7.76 6.18
CA PRO A 80 -12.82 8.76 6.84
C PRO A 80 -13.64 9.90 7.43
N ASP A 81 -13.25 10.39 8.58
CA ASP A 81 -13.87 11.57 9.12
C ASP A 81 -12.91 12.69 8.80
N VAL A 82 -11.62 12.46 8.58
CA VAL A 82 -10.63 13.45 8.17
C VAL A 82 -9.72 12.74 7.15
N VAL A 83 -9.12 13.48 6.21
CA VAL A 83 -8.13 12.91 5.36
C VAL A 83 -7.07 13.97 5.49
N VAL A 84 -5.92 13.49 5.91
CA VAL A 84 -4.82 14.34 6.25
C VAL A 84 -3.74 14.19 5.18
N LEU A 85 -3.26 15.26 4.56
CA LEU A 85 -2.24 15.18 3.54
C LEU A 85 -0.93 15.48 4.27
N ALA A 86 0.01 14.55 4.41
CA ALA A 86 1.23 14.80 5.14
C ALA A 86 2.38 14.47 4.22
N GLY A 87 2.69 15.53 3.48
CA GLY A 87 3.73 15.52 2.45
C GLY A 87 3.19 14.94 1.16
N PHE A 88 1.88 15.07 0.90
CA PHE A 88 1.30 14.49 -0.29
C PHE A 88 1.67 15.48 -1.39
N MET A 89 2.39 15.00 -2.38
CA MET A 89 2.93 15.84 -3.39
C MET A 89 2.10 16.00 -4.61
N ARG A 90 0.88 15.53 -4.63
CA ARG A 90 0.05 15.66 -5.80
C ARG A 90 -1.06 16.66 -5.55
N ILE A 91 -1.48 17.41 -6.59
CA ILE A 91 -2.58 18.36 -6.47
C ILE A 91 -3.87 17.57 -6.59
N LEU A 92 -4.82 17.91 -5.74
CA LEU A 92 -6.03 17.15 -5.76
C LEU A 92 -7.03 17.93 -6.56
N SER A 93 -7.78 17.27 -7.44
CA SER A 93 -8.68 17.94 -8.34
C SER A 93 -9.87 18.53 -7.64
N PRO A 94 -10.59 19.46 -8.24
CA PRO A 94 -11.86 19.95 -7.77
C PRO A 94 -12.83 18.90 -7.29
N ALA A 95 -12.96 17.75 -7.94
CA ALA A 95 -13.90 16.73 -7.53
C ALA A 95 -13.49 16.07 -6.21
N PHE A 96 -12.15 16.02 -5.99
CA PHE A 96 -11.55 15.42 -4.80
C PHE A 96 -11.77 16.39 -3.65
N VAL A 97 -11.36 17.65 -3.84
CA VAL A 97 -11.57 18.70 -2.84
C VAL A 97 -13.02 18.86 -2.42
N SER A 98 -13.98 18.87 -3.33
CA SER A 98 -15.36 19.04 -2.95
C SER A 98 -15.88 17.79 -2.26
N HIS A 99 -15.35 16.63 -2.63
CA HIS A 99 -15.78 15.37 -2.05
C HIS A 99 -15.46 15.33 -0.58
N TYR A 100 -14.32 15.86 -0.12
CA TYR A 100 -13.93 15.90 1.30
C TYR A 100 -13.91 17.33 1.87
N ALA A 101 -14.72 18.25 1.30
CA ALA A 101 -14.77 19.65 1.75
C ALA A 101 -15.01 19.77 3.24
N GLY A 102 -14.06 20.39 3.93
CA GLY A 102 -14.28 20.60 5.33
C GLY A 102 -13.71 19.50 6.19
N ARG A 103 -13.18 18.45 5.55
CA ARG A 103 -12.45 17.42 6.26
C ARG A 103 -11.27 16.88 5.47
N LEU A 104 -10.58 17.82 4.83
CA LEU A 104 -9.34 17.59 4.09
C LEU A 104 -8.31 18.66 4.56
N LEU A 105 -7.29 18.20 5.29
CA LEU A 105 -6.23 19.02 5.88
C LEU A 105 -4.85 18.91 5.20
N ASN A 106 -3.98 19.91 5.32
CA ASN A 106 -2.66 19.87 4.71
C ASN A 106 -1.71 20.68 5.58
N ILE A 107 -0.41 20.38 5.55
CA ILE A 107 0.62 21.13 6.24
C ILE A 107 1.65 21.66 5.22
N HIS A 108 1.94 22.97 5.13
CA HIS A 108 3.01 23.41 4.22
C HIS A 108 4.04 24.11 5.09
N PRO A 109 5.36 23.97 4.85
CA PRO A 109 6.39 24.67 5.59
C PRO A 109 6.55 26.11 5.08
N SER A 110 5.61 26.97 5.45
CA SER A 110 5.60 28.39 5.12
C SER A 110 4.51 28.99 5.99
N LEU A 111 4.56 30.31 6.15
CA LEU A 111 3.48 31.01 6.84
C LEU A 111 2.53 31.50 5.74
N LEU A 112 2.46 32.80 5.42
CA LEU A 112 1.59 33.20 4.36
C LEU A 112 2.26 33.76 3.10
N PRO A 113 3.54 33.50 2.76
CA PRO A 113 4.01 33.96 1.44
C PRO A 113 5.49 34.19 1.20
N LYS A 114 6.20 34.74 2.19
CA LYS A 114 7.64 34.97 2.15
C LYS A 114 8.25 34.13 3.27
N TYR A 115 9.40 33.43 3.12
CA TYR A 115 9.93 32.57 4.20
C TYR A 115 11.38 32.05 4.22
N PRO A 116 12.35 32.59 3.50
CA PRO A 116 13.76 32.17 3.50
C PRO A 116 14.07 30.67 3.57
N GLY A 117 13.13 29.78 3.23
CA GLY A 117 13.27 28.33 3.39
C GLY A 117 14.34 27.76 2.50
N LEU A 118 13.88 26.87 1.62
CA LEU A 118 14.70 26.21 0.60
C LEU A 118 16.11 25.81 0.98
N HIS A 119 17.02 26.80 0.99
CA HIS A 119 18.43 26.55 1.23
C HIS A 119 19.04 26.18 -0.11
N THR A 120 18.54 26.84 -1.15
CA THR A 120 19.10 26.65 -2.48
C THR A 120 20.20 27.68 -2.69
N HIS A 121 20.14 28.72 -1.87
CA HIS A 121 21.26 29.62 -1.77
C HIS A 121 22.04 29.10 -0.56
N ARG A 122 21.39 28.77 0.46
N ASN A 127 23.20 30.65 9.43
CA ASN A 127 21.88 30.88 9.96
C ASN A 127 21.24 31.98 9.17
N GLY A 128 20.45 32.88 9.75
CA GLY A 128 19.85 33.92 8.96
C GLY A 128 18.99 34.89 9.74
N ASP A 129 18.26 35.62 8.92
CA ASP A 129 17.39 36.69 9.35
C ASP A 129 16.10 36.26 10.04
N GLU A 130 15.08 35.81 9.29
CA GLU A 130 13.77 35.49 9.85
C GLU A 130 12.86 34.87 8.76
N GLU A 131 11.51 34.96 8.95
CA GLU A 131 10.43 34.39 8.12
C GLU A 131 10.65 32.92 7.87
N HIS A 132 10.07 32.02 8.63
CA HIS A 132 10.25 30.59 8.46
C HIS A 132 9.16 30.02 9.32
N GLY A 133 8.57 28.91 8.91
CA GLY A 133 7.51 28.35 9.72
C GLY A 133 6.82 27.24 9.00
N THR A 134 5.63 26.98 9.51
CA THR A 134 4.81 25.91 8.99
C THR A 134 3.36 26.22 9.32
N SER A 135 2.43 25.97 8.40
CA SER A 135 1.01 26.06 8.72
C SER A 135 0.22 24.87 8.19
N VAL A 136 -0.78 24.53 9.02
CA VAL A 136 -1.78 23.51 8.81
C VAL A 136 -3.00 24.30 8.35
N HIS A 137 -3.64 23.94 7.25
CA HIS A 137 -4.78 24.70 6.75
C HIS A 137 -5.88 23.82 6.16
N PHE A 138 -7.15 24.22 6.09
CA PHE A 138 -8.09 23.39 5.35
C PHE A 138 -7.73 23.55 3.87
N VAL A 139 -7.80 22.43 3.13
CA VAL A 139 -7.47 22.40 1.72
C VAL A 139 -8.71 22.80 0.98
N THR A 140 -8.46 23.77 0.12
CA THR A 140 -9.44 24.31 -0.79
C THR A 140 -8.83 24.26 -2.20
N ASP A 141 -9.65 24.64 -3.16
CA ASP A 141 -9.24 24.74 -4.54
C ASP A 141 -8.23 25.86 -4.79
N GLU A 142 -8.16 26.89 -3.93
CA GLU A 142 -7.08 27.87 -4.03
C GLU A 142 -5.90 26.99 -3.62
N LEU A 143 -5.13 26.55 -4.61
CA LEU A 143 -3.99 25.68 -4.41
C LEU A 143 -3.05 26.27 -3.39
N ASP A 144 -2.64 25.49 -2.40
CA ASP A 144 -1.75 25.92 -1.34
C ASP A 144 -2.25 27.04 -0.43
N GLY A 145 -3.46 27.55 -0.68
CA GLY A 145 -3.95 28.70 0.04
C GLY A 145 -5.38 28.65 0.56
N GLY A 146 -5.92 27.51 1.01
CA GLY A 146 -7.22 27.51 1.67
C GLY A 146 -7.01 27.94 3.12
N PRO A 147 -8.03 28.12 3.95
CA PRO A 147 -7.96 28.73 5.28
C PRO A 147 -7.02 28.19 6.39
N VAL A 148 -6.09 29.01 6.89
CA VAL A 148 -5.10 28.55 7.84
C VAL A 148 -5.70 28.27 9.19
N ILE A 149 -5.24 27.23 9.91
CA ILE A 149 -5.80 26.92 11.20
C ILE A 149 -4.76 27.21 12.25
N LEU A 150 -3.49 26.84 12.10
CA LEU A 150 -2.46 27.17 13.10
C LEU A 150 -1.20 27.29 12.31
N GLN A 151 -0.31 28.18 12.70
CA GLN A 151 1.00 28.36 12.08
C GLN A 151 2.01 28.36 13.22
N ALA A 152 3.29 28.26 12.91
CA ALA A 152 4.32 28.27 13.94
C ALA A 152 5.54 28.83 13.27
N LYS A 153 6.07 29.85 13.92
CA LYS A 153 7.22 30.55 13.39
C LYS A 153 8.36 29.82 14.03
N VAL A 154 9.33 29.59 13.19
CA VAL A 154 10.52 28.90 13.60
C VAL A 154 11.62 29.95 13.60
N PRO A 155 12.12 30.26 14.80
CA PRO A 155 13.32 31.05 15.04
C PRO A 155 14.61 30.60 14.34
N VAL A 156 15.17 31.60 13.67
CA VAL A 156 16.41 31.42 12.96
C VAL A 156 17.46 31.99 13.90
N PHE A 157 18.68 31.50 13.79
CA PHE A 157 19.79 31.89 14.66
C PHE A 157 21.05 32.02 13.79
N ALA A 158 22.17 32.57 14.27
CA ALA A 158 23.36 32.75 13.43
C ALA A 158 23.95 31.41 13.01
N GLY A 159 24.19 30.60 14.03
CA GLY A 159 24.73 29.25 13.94
C GLY A 159 23.63 28.26 13.61
N ASP A 160 23.08 28.43 12.42
CA ASP A 160 22.11 27.50 11.89
C ASP A 160 22.51 27.22 10.46
N SER A 161 22.23 25.97 10.10
CA SER A 161 22.47 25.46 8.76
C SER A 161 21.10 25.16 8.18
N GLU A 162 21.02 24.79 6.90
CA GLU A 162 19.75 24.39 6.30
C GLU A 162 19.21 23.20 7.06
N ASP A 163 20.07 22.25 7.45
CA ASP A 163 19.57 21.11 8.17
C ASP A 163 19.09 21.57 9.55
N ASP A 164 19.71 22.57 10.14
CA ASP A 164 19.21 23.09 11.41
C ASP A 164 17.83 23.67 11.30
N ILE A 165 17.63 24.54 10.30
CA ILE A 165 16.35 25.19 10.09
C ILE A 165 15.24 24.16 9.82
N THR A 166 15.49 23.24 8.86
CA THR A 166 14.56 22.20 8.40
C THR A 166 14.15 21.24 9.49
N ALA A 167 15.13 20.78 10.25
CA ALA A 167 14.85 19.95 11.37
C ALA A 167 13.96 20.72 12.32
N ARG A 168 14.25 22.00 12.62
CA ARG A 168 13.45 22.82 13.54
C ARG A 168 12.00 23.02 13.06
N VAL A 169 11.85 23.24 11.74
CA VAL A 169 10.55 23.32 11.09
C VAL A 169 9.85 21.97 11.28
N GLN A 170 10.49 20.84 10.94
CA GLN A 170 9.89 19.53 11.07
C GLN A 170 9.49 19.29 12.53
N THR A 171 10.31 19.71 13.51
CA THR A 171 9.97 19.53 14.90
C THR A 171 8.71 20.35 15.13
N GLN A 172 8.55 21.53 14.54
CA GLN A 172 7.30 22.21 14.81
C GLN A 172 6.14 21.60 14.05
N GLU A 173 6.32 21.05 12.84
CA GLU A 173 5.25 20.38 12.11
C GLU A 173 4.66 19.26 12.97
N HIS A 174 5.57 18.56 13.64
CA HIS A 174 5.17 17.42 14.46
C HIS A 174 4.39 17.78 15.69
N ALA A 175 4.48 19.03 16.10
CA ALA A 175 3.74 19.49 17.27
C ALA A 175 2.39 19.99 16.84
N ILE A 176 2.37 20.77 15.75
CA ILE A 176 1.13 21.41 15.40
C ILE A 176 0.18 20.45 14.69
N TYR A 177 0.64 19.60 13.74
CA TYR A 177 -0.30 18.75 13.02
C TYR A 177 -1.08 17.79 13.93
N PRO A 178 -0.54 17.04 14.90
CA PRO A 178 -1.33 16.35 15.93
C PRO A 178 -2.26 17.23 16.76
N LEU A 179 -1.91 18.49 17.00
CA LEU A 179 -2.75 19.40 17.77
C LEU A 179 -4.00 19.71 16.95
N VAL A 180 -3.80 20.13 15.69
CA VAL A 180 -4.92 20.42 14.80
C VAL A 180 -5.80 19.20 14.62
N ILE A 181 -5.25 18.04 14.26
CA ILE A 181 -6.06 16.85 14.10
C ILE A 181 -6.74 16.51 15.41
N SER A 182 -6.18 16.79 16.59
CA SER A 182 -6.93 16.46 17.78
C SER A 182 -8.10 17.41 17.96
N TRP A 183 -7.96 18.73 17.65
CA TRP A 183 -9.06 19.68 17.80
C TRP A 183 -10.15 19.29 16.82
N PHE A 184 -9.78 18.85 15.62
CA PHE A 184 -10.74 18.29 14.67
C PHE A 184 -11.46 17.07 15.28
N ALA A 185 -10.73 16.12 15.88
CA ALA A 185 -11.33 14.91 16.44
C ALA A 185 -12.28 15.18 17.59
N ASP A 186 -12.02 16.22 18.38
CA ASP A 186 -12.90 16.65 19.46
C ASP A 186 -14.07 17.54 19.06
N GLY A 187 -14.35 17.68 17.77
CA GLY A 187 -15.49 18.45 17.29
C GLY A 187 -15.37 19.95 17.49
N ARG A 188 -14.15 20.50 17.50
CA ARG A 188 -13.93 21.92 17.79
C ARG A 188 -13.50 22.76 16.61
N LEU A 189 -13.24 22.15 15.46
CA LEU A 189 -12.68 22.80 14.28
C LEU A 189 -13.58 22.47 13.10
N LYS A 190 -14.15 23.47 12.45
CA LYS A 190 -14.97 23.22 11.27
C LYS A 190 -14.62 24.26 10.23
N MET A 191 -14.95 24.01 8.98
CA MET A 191 -14.77 24.99 7.95
C MET A 191 -16.15 25.33 7.43
N HIS A 192 -16.37 26.62 7.24
CA HIS A 192 -17.51 27.12 6.47
C HIS A 192 -17.17 28.54 6.10
N GLU A 193 -17.69 28.91 4.94
CA GLU A 193 -17.54 30.22 4.33
C GLU A 193 -16.07 30.53 4.03
N ASN A 194 -15.40 29.48 3.54
CA ASN A 194 -13.97 29.46 3.24
C ASN A 194 -13.15 30.10 4.37
N ALA A 195 -13.64 29.73 5.56
CA ALA A 195 -13.06 30.16 6.80
C ALA A 195 -13.03 28.98 7.79
N ALA A 196 -11.92 28.94 8.55
CA ALA A 196 -11.68 28.02 9.63
C ALA A 196 -12.33 28.56 10.89
N TRP A 197 -12.98 27.68 11.64
CA TRP A 197 -13.74 28.03 12.83
C TRP A 197 -13.31 27.15 14.01
N LEU A 198 -12.94 27.72 15.14
CA LEU A 198 -12.54 26.96 16.30
C LEU A 198 -13.54 27.37 17.37
N ASP A 199 -14.28 26.40 17.94
CA ASP A 199 -15.27 26.62 19.01
C ASP A 199 -16.26 27.71 18.72
N GLY A 200 -16.66 27.71 17.45
CA GLY A 200 -17.66 28.62 16.92
C GLY A 200 -17.09 29.97 16.56
N GLN A 201 -15.86 30.23 16.94
CA GLN A 201 -15.22 31.47 16.64
C GLN A 201 -14.47 31.33 15.32
N ARG A 202 -14.57 32.33 14.45
CA ARG A 202 -13.92 32.40 13.16
C ARG A 202 -12.45 32.70 13.39
N LEU A 203 -11.54 31.95 12.81
CA LEU A 203 -10.14 32.29 12.96
C LEU A 203 -9.80 33.40 12.00
N PRO A 204 -8.96 34.33 12.45
CA PRO A 204 -8.31 35.31 11.59
C PRO A 204 -7.55 34.66 10.45
N PRO A 205 -7.21 35.31 9.36
CA PRO A 205 -6.44 34.70 8.26
C PRO A 205 -5.18 33.88 8.55
N GLN A 206 -4.58 34.05 9.72
CA GLN A 206 -3.37 33.36 10.08
C GLN A 206 -3.55 32.31 11.15
N GLY A 207 -4.79 31.93 11.34
CA GLY A 207 -5.07 30.83 12.22
C GLY A 207 -5.39 31.23 13.64
N TYR A 208 -5.03 30.39 14.58
CA TYR A 208 -5.35 30.65 15.93
C TYR A 208 -4.18 31.45 16.46
N ALA A 209 -4.76 32.45 17.15
CA ALA A 209 -4.08 33.55 17.78
C ALA A 209 -3.45 34.39 16.65
N MET B 1 4.46 -8.72 -19.91
CA MET B 1 3.52 -9.68 -19.40
C MET B 1 3.46 -9.29 -17.92
N ASN B 2 2.23 -9.00 -17.51
CA ASN B 2 1.89 -8.49 -16.18
C ASN B 2 1.60 -9.60 -15.17
N ILE B 3 2.30 -9.53 -14.04
CA ILE B 3 2.19 -10.43 -12.90
C ILE B 3 1.64 -9.66 -11.69
N VAL B 4 0.58 -10.10 -11.02
CA VAL B 4 0.08 -9.51 -9.78
C VAL B 4 0.34 -10.68 -8.82
N VAL B 5 1.02 -10.51 -7.68
CA VAL B 5 1.29 -11.60 -6.74
C VAL B 5 0.47 -11.30 -5.49
N LEU B 6 -0.17 -12.30 -4.90
CA LEU B 6 -0.99 -12.16 -3.68
C LEU B 6 -0.32 -12.93 -2.54
N ILE B 7 -0.09 -12.29 -1.40
CA ILE B 7 0.67 -12.88 -0.31
C ILE B 7 -0.08 -12.65 0.99
N SER B 8 0.39 -13.24 2.09
CA SER B 8 -0.13 -13.01 3.43
C SER B 8 1.02 -12.92 4.43
N GLY B 9 2.27 -13.17 4.10
CA GLY B 9 3.27 -13.22 5.13
C GLY B 9 4.64 -12.85 4.63
N ASN B 10 5.61 -13.64 5.04
CA ASN B 10 7.02 -13.40 4.77
C ASN B 10 7.35 -13.05 3.35
N GLY B 11 6.80 -13.70 2.36
CA GLY B 11 6.98 -13.32 0.99
C GLY B 11 8.26 -13.83 0.37
N SER B 12 8.92 -14.91 0.80
CA SER B 12 10.14 -15.42 0.18
C SER B 12 9.93 -15.81 -1.31
N ASN B 13 8.72 -16.32 -1.60
CA ASN B 13 8.36 -16.75 -2.95
C ASN B 13 8.23 -15.58 -3.87
N LEU B 14 7.64 -14.53 -3.34
CA LEU B 14 7.50 -13.26 -4.05
C LEU B 14 8.91 -12.79 -4.40
N GLN B 15 9.82 -12.84 -3.44
CA GLN B 15 11.18 -12.40 -3.66
C GLN B 15 11.79 -13.26 -4.75
N ALA B 16 11.62 -14.59 -4.73
CA ALA B 16 12.13 -15.45 -5.78
C ALA B 16 11.58 -15.06 -7.14
N ILE B 17 10.31 -14.63 -7.22
CA ILE B 17 9.78 -14.22 -8.53
C ILE B 17 10.27 -12.85 -8.95
N ILE B 18 10.44 -11.86 -8.05
CA ILE B 18 10.94 -10.54 -8.41
C ILE B 18 12.32 -10.78 -9.01
N ASP B 19 13.11 -11.58 -8.30
CA ASP B 19 14.44 -11.95 -8.72
C ASP B 19 14.46 -12.51 -10.12
N ALA B 20 13.64 -13.52 -10.43
CA ALA B 20 13.59 -14.09 -11.76
C ALA B 20 13.13 -13.09 -12.82
N CYS B 21 12.24 -12.12 -12.57
CA CYS B 21 11.89 -11.11 -13.58
C CYS B 21 13.05 -10.19 -13.92
N LYS B 22 13.85 -9.80 -12.90
CA LYS B 22 15.05 -8.95 -12.98
C LYS B 22 16.01 -9.61 -13.96
N THR B 23 16.39 -10.83 -13.64
CA THR B 23 17.25 -11.69 -14.42
C THR B 23 16.67 -12.14 -15.76
N ASN B 24 15.58 -11.55 -16.23
CA ASN B 24 14.89 -11.89 -17.48
C ASN B 24 14.53 -13.35 -17.70
N LYS B 25 14.65 -14.11 -16.62
CA LYS B 25 14.31 -15.51 -16.61
C LYS B 25 12.80 -15.65 -16.70
N ILE B 26 12.07 -14.69 -16.13
CA ILE B 26 10.65 -14.61 -16.33
C ILE B 26 10.60 -13.31 -17.13
N LYS B 27 10.12 -13.48 -18.35
CA LYS B 27 9.96 -12.38 -19.24
C LYS B 27 8.65 -11.74 -18.80
N GLY B 28 8.59 -11.09 -17.64
CA GLY B 28 7.39 -10.45 -17.14
C GLY B 28 7.69 -9.38 -16.10
N THR B 29 6.67 -8.68 -15.60
CA THR B 29 6.87 -7.59 -14.66
C THR B 29 5.93 -7.79 -13.51
N VAL B 30 6.37 -7.83 -12.27
CA VAL B 30 5.43 -7.87 -11.13
C VAL B 30 4.98 -6.41 -11.06
N ARG B 31 3.70 -6.19 -11.23
CA ARG B 31 3.18 -4.84 -11.30
C ARG B 31 2.59 -4.38 -9.96
N ALA B 32 2.03 -5.29 -9.14
CA ALA B 32 1.50 -4.97 -7.83
C ALA B 32 1.49 -6.21 -6.98
N VAL B 33 1.44 -6.01 -5.65
CA VAL B 33 1.45 -7.09 -4.68
C VAL B 33 0.29 -6.81 -3.75
N PHE B 34 -0.60 -7.77 -3.56
CA PHE B 34 -1.74 -7.63 -2.66
C PHE B 34 -1.52 -8.46 -1.43
N SER B 35 -1.99 -7.98 -0.30
CA SER B 35 -1.87 -8.70 0.93
C SER B 35 -3.17 -8.53 1.68
N ASN B 36 -3.50 -9.57 2.44
CA ASN B 36 -4.62 -9.51 3.36
C ASN B 36 -4.12 -9.32 4.79
N LYS B 37 -2.83 -9.10 5.08
CA LYS B 37 -2.37 -8.77 6.43
C LYS B 37 -1.50 -7.52 6.29
N ALA B 38 -1.80 -6.49 7.05
CA ALA B 38 -1.15 -5.21 7.03
C ALA B 38 0.30 -5.22 7.40
N ASP B 39 0.69 -6.15 8.24
CA ASP B 39 2.06 -6.26 8.70
C ASP B 39 2.96 -7.21 7.91
N ALA B 40 2.42 -7.90 6.91
CA ALA B 40 3.16 -8.88 6.12
C ALA B 40 4.54 -8.45 5.64
N PHE B 41 5.66 -9.14 5.93
CA PHE B 41 7.00 -8.73 5.53
C PHE B 41 7.23 -8.64 4.03
N GLY B 42 6.49 -9.41 3.21
CA GLY B 42 6.54 -9.33 1.74
C GLY B 42 6.16 -7.94 1.23
N LEU B 43 5.33 -7.19 1.97
CA LEU B 43 5.05 -5.79 1.66
C LEU B 43 6.35 -4.99 1.68
N GLU B 44 7.26 -5.23 2.66
CA GLU B 44 8.57 -4.59 2.73
C GLU B 44 9.48 -5.03 1.60
N ARG B 45 9.40 -6.28 1.15
CA ARG B 45 10.19 -6.70 0.01
C ARG B 45 9.73 -6.00 -1.23
N ALA B 46 8.42 -5.79 -1.38
CA ALA B 46 7.86 -5.03 -2.49
C ALA B 46 8.23 -3.52 -2.45
N ARG B 47 8.17 -2.88 -1.29
CA ARG B 47 8.57 -1.49 -1.14
C ARG B 47 9.99 -1.33 -1.64
N GLN B 48 10.94 -2.14 -1.18
CA GLN B 48 12.32 -2.01 -1.61
C GLN B 48 12.51 -2.28 -3.10
N ALA B 49 11.74 -3.22 -3.65
CA ALA B 49 11.78 -3.44 -5.08
C ALA B 49 11.03 -2.37 -5.84
N GLY B 50 10.47 -1.35 -5.21
CA GLY B 50 9.72 -0.30 -5.90
C GLY B 50 8.37 -0.76 -6.49
N ILE B 51 7.69 -1.77 -5.92
CA ILE B 51 6.44 -2.30 -6.48
C ILE B 51 5.25 -1.78 -5.72
N ALA B 52 4.19 -1.33 -6.39
CA ALA B 52 2.92 -0.93 -5.80
C ALA B 52 2.33 -2.02 -4.94
N THR B 53 1.68 -1.63 -3.85
CA THR B 53 1.22 -2.54 -2.81
C THR B 53 -0.21 -2.18 -2.40
N HIS B 54 -1.08 -3.13 -2.12
CA HIS B 54 -2.41 -2.82 -1.66
C HIS B 54 -2.70 -3.85 -0.61
N THR B 55 -3.18 -3.46 0.56
CA THR B 55 -3.56 -4.39 1.61
C THR B 55 -5.07 -4.32 1.78
N LEU B 56 -5.81 -5.41 1.58
CA LEU B 56 -7.23 -5.41 1.86
C LEU B 56 -7.41 -6.29 3.07
N ILE B 57 -7.90 -5.75 4.18
CA ILE B 57 -8.07 -6.49 5.43
C ILE B 57 -9.53 -6.93 5.54
N ALA B 58 -9.81 -8.18 5.90
CA ALA B 58 -11.17 -8.73 6.00
C ALA B 58 -12.06 -7.96 6.98
N SER B 59 -11.60 -7.51 8.16
CA SER B 59 -12.41 -6.71 9.11
C SER B 59 -12.96 -5.47 8.45
N ALA B 60 -12.35 -4.94 7.39
CA ALA B 60 -12.89 -3.72 6.79
C ALA B 60 -14.08 -4.04 5.88
N PHE B 61 -14.26 -5.31 5.53
CA PHE B 61 -15.35 -5.65 4.65
C PHE B 61 -16.44 -6.31 5.43
N ASP B 62 -17.60 -6.00 4.87
CA ASP B 62 -18.82 -6.45 5.45
C ASP B 62 -19.10 -7.91 5.18
N SER B 63 -18.62 -8.40 4.04
CA SER B 63 -18.85 -9.78 3.64
C SER B 63 -17.74 -10.34 2.74
N ARG B 64 -17.67 -11.67 2.56
CA ARG B 64 -16.68 -12.31 1.70
C ARG B 64 -16.75 -11.71 0.33
N GLU B 65 -17.97 -11.66 -0.19
CA GLU B 65 -18.32 -11.16 -1.51
C GLU B 65 -17.81 -9.75 -1.83
N ALA B 66 -18.10 -8.86 -0.90
CA ALA B 66 -17.64 -7.48 -0.95
C ALA B 66 -16.11 -7.47 -1.05
N TYR B 67 -15.42 -8.25 -0.22
CA TYR B 67 -13.96 -8.31 -0.23
C TYR B 67 -13.44 -8.71 -1.59
N ASP B 68 -13.94 -9.80 -2.14
CA ASP B 68 -13.40 -10.30 -3.40
C ASP B 68 -13.71 -9.38 -4.56
N ARG B 69 -14.82 -8.63 -4.47
CA ARG B 69 -15.25 -7.64 -5.46
C ARG B 69 -14.20 -6.51 -5.49
N GLU B 70 -13.70 -6.12 -4.33
CA GLU B 70 -12.70 -5.07 -4.26
C GLU B 70 -11.37 -5.63 -4.65
N LEU B 71 -11.08 -6.88 -4.40
CA LEU B 71 -9.79 -7.47 -4.78
C LEU B 71 -9.66 -7.50 -6.32
N ILE B 72 -10.64 -8.02 -7.06
CA ILE B 72 -10.74 -8.05 -8.53
C ILE B 72 -10.58 -6.64 -9.02
N HIS B 73 -11.41 -5.74 -8.50
CA HIS B 73 -11.36 -4.34 -8.87
C HIS B 73 -9.95 -3.77 -8.75
N GLU B 74 -9.26 -3.94 -7.63
CA GLU B 74 -7.92 -3.38 -7.49
C GLU B 74 -6.86 -4.14 -8.27
N ILE B 75 -7.05 -5.43 -8.54
CA ILE B 75 -6.07 -6.20 -9.30
C ILE B 75 -6.16 -5.82 -10.76
N ASP B 76 -7.38 -5.60 -11.27
CA ASP B 76 -7.57 -5.33 -12.67
C ASP B 76 -7.14 -3.99 -13.13
N MET B 77 -6.85 -3.14 -12.15
CA MET B 77 -6.19 -1.88 -12.41
C MET B 77 -4.79 -2.12 -12.98
N TYR B 78 -4.16 -3.27 -12.73
CA TYR B 78 -2.80 -3.58 -13.19
C TYR B 78 -2.72 -4.58 -14.34
N ALA B 79 -3.90 -4.69 -14.98
CA ALA B 79 -4.20 -5.54 -16.12
C ALA B 79 -3.47 -6.87 -16.17
N PRO B 80 -3.71 -7.75 -15.19
CA PRO B 80 -2.84 -8.90 -14.99
C PRO B 80 -2.89 -9.88 -16.14
N ASP B 81 -1.76 -10.39 -16.62
CA ASP B 81 -1.83 -11.54 -17.49
C ASP B 81 -1.85 -12.80 -16.65
N VAL B 82 -1.19 -12.78 -15.49
CA VAL B 82 -1.30 -13.87 -14.55
C VAL B 82 -1.46 -13.36 -13.11
N VAL B 83 -2.21 -14.07 -12.25
CA VAL B 83 -2.41 -13.73 -10.85
C VAL B 83 -1.77 -14.88 -10.10
N VAL B 84 -0.75 -14.64 -9.27
CA VAL B 84 0.06 -15.69 -8.69
C VAL B 84 -0.24 -15.71 -7.22
N LEU B 85 -0.70 -16.80 -6.60
CA LEU B 85 -0.95 -16.76 -5.18
C LEU B 85 0.30 -17.35 -4.56
N ALA B 86 0.99 -16.59 -3.71
CA ALA B 86 2.28 -16.98 -3.17
C ALA B 86 2.26 -16.79 -1.65
N GLY B 87 1.57 -17.73 -1.01
CA GLY B 87 1.36 -17.74 0.43
C GLY B 87 0.11 -16.99 0.83
N PHE B 88 -0.83 -16.75 -0.10
CA PHE B 88 -2.06 -16.04 0.22
C PHE B 88 -3.00 -16.97 0.97
N MET B 89 -3.22 -16.71 2.26
CA MET B 89 -3.97 -17.58 3.14
C MET B 89 -5.48 -17.48 3.19
N ARG B 90 -6.15 -16.98 2.16
CA ARG B 90 -7.58 -16.84 2.19
C ARG B 90 -8.20 -17.65 1.03
N ILE B 91 -9.36 -18.32 1.16
CA ILE B 91 -10.06 -19.01 0.07
C ILE B 91 -10.74 -17.96 -0.83
N LEU B 92 -10.42 -18.05 -2.11
CA LEU B 92 -10.99 -17.15 -3.09
C LEU B 92 -12.33 -17.67 -3.55
N SER B 93 -13.34 -16.81 -3.61
CA SER B 93 -14.69 -17.19 -4.00
C SER B 93 -14.80 -17.73 -5.41
N PRO B 94 -15.81 -18.53 -5.78
CA PRO B 94 -16.07 -19.02 -7.14
C PRO B 94 -16.03 -17.94 -8.19
N ALA B 95 -16.57 -16.76 -7.83
CA ALA B 95 -16.61 -15.60 -8.68
C ALA B 95 -15.21 -15.13 -9.08
N PHE B 96 -14.26 -15.06 -8.13
CA PHE B 96 -12.89 -14.60 -8.35
C PHE B 96 -12.14 -15.61 -9.22
N VAL B 97 -12.28 -16.87 -8.80
CA VAL B 97 -11.66 -18.00 -9.49
C VAL B 97 -12.15 -17.98 -10.95
N SER B 98 -13.45 -17.83 -11.19
CA SER B 98 -14.03 -17.75 -12.53
C SER B 98 -13.46 -16.61 -13.35
N HIS B 99 -13.24 -15.52 -12.62
CA HIS B 99 -12.82 -14.29 -13.23
C HIS B 99 -11.39 -14.38 -13.74
N TYR B 100 -10.51 -15.15 -13.08
CA TYR B 100 -9.14 -15.32 -13.51
C TYR B 100 -8.88 -16.75 -13.99
N ALA B 101 -9.91 -17.39 -14.57
CA ALA B 101 -9.82 -18.75 -15.08
C ALA B 101 -8.68 -19.04 -16.04
N GLY B 102 -7.79 -19.96 -15.70
CA GLY B 102 -6.66 -20.28 -16.58
C GLY B 102 -5.50 -19.32 -16.47
N ARG B 103 -5.60 -18.40 -15.50
CA ARG B 103 -4.68 -17.30 -15.17
C ARG B 103 -4.42 -17.24 -13.67
N LEU B 104 -4.92 -18.15 -12.85
CA LEU B 104 -4.69 -18.11 -11.42
C LEU B 104 -3.82 -19.32 -11.08
N LEU B 105 -2.68 -19.07 -10.43
CA LEU B 105 -1.72 -20.11 -10.10
C LEU B 105 -1.55 -20.13 -8.58
N ASN B 106 -1.25 -21.28 -8.02
CA ASN B 106 -1.05 -21.35 -6.58
C ASN B 106 0.11 -22.28 -6.29
N ILE B 107 0.75 -22.16 -5.12
CA ILE B 107 1.74 -23.11 -4.71
C ILE B 107 1.34 -23.65 -3.33
N HIS B 108 1.32 -24.95 -3.13
CA HIS B 108 1.05 -25.47 -1.80
C HIS B 108 2.08 -26.51 -1.42
N PRO B 109 2.53 -26.62 -0.16
CA PRO B 109 3.71 -27.35 0.23
C PRO B 109 3.40 -28.82 0.54
N SER B 110 2.96 -29.59 -0.43
CA SER B 110 2.61 -31.00 -0.26
C SER B 110 2.43 -31.52 -1.69
N LEU B 111 3.02 -32.62 -2.13
CA LEU B 111 2.75 -33.10 -3.49
C LEU B 111 1.32 -33.62 -3.53
N LEU B 112 0.71 -33.70 -4.69
CA LEU B 112 -0.65 -34.21 -4.88
C LEU B 112 -0.89 -34.45 -6.38
N PRO B 113 -0.08 -35.14 -6.98
N ASP B 129 10.08 -41.92 7.91
CA ASP B 129 9.63 -41.95 6.53
C ASP B 129 9.66 -40.55 5.93
N GLU B 130 9.38 -40.30 4.64
CA GLU B 130 9.43 -38.93 4.14
C GLU B 130 8.26 -38.21 3.44
N GLU B 131 6.95 -38.43 3.64
CA GLU B 131 5.91 -37.72 2.87
C GLU B 131 5.96 -36.15 2.78
N HIS B 132 6.79 -35.52 1.91
CA HIS B 132 6.93 -34.05 1.84
C HIS B 132 7.26 -33.51 0.44
N GLY B 133 6.82 -32.32 0.04
CA GLY B 133 7.13 -31.79 -1.28
C GLY B 133 6.35 -30.52 -1.56
N THR B 134 6.30 -29.98 -2.78
CA THR B 134 5.55 -28.76 -3.05
C THR B 134 5.07 -28.82 -4.48
N SER B 135 3.90 -28.24 -4.74
CA SER B 135 3.39 -28.21 -6.09
C SER B 135 2.58 -26.99 -6.38
N VAL B 136 2.82 -26.63 -7.66
CA VAL B 136 2.21 -25.51 -8.35
C VAL B 136 1.11 -26.10 -9.20
N HIS B 137 -0.03 -25.44 -9.17
CA HIS B 137 -1.19 -25.87 -9.91
C HIS B 137 -2.04 -24.68 -10.33
N PHE B 138 -2.82 -24.87 -11.39
CA PHE B 138 -3.84 -23.91 -11.79
C PHE B 138 -4.96 -23.96 -10.78
N VAL B 139 -5.53 -22.84 -10.36
CA VAL B 139 -6.66 -22.84 -9.44
C VAL B 139 -7.99 -22.89 -10.21
N THR B 140 -8.70 -23.96 -9.89
CA THR B 140 -10.01 -24.38 -10.40
C THR B 140 -10.89 -24.56 -9.16
N ASP B 141 -12.23 -24.55 -9.17
CA ASP B 141 -13.00 -24.53 -7.91
C ASP B 141 -12.95 -25.68 -6.90
N GLU B 142 -12.11 -26.65 -7.20
CA GLU B 142 -11.91 -27.79 -6.34
C GLU B 142 -10.72 -27.29 -5.51
N LEU B 143 -11.00 -26.78 -4.31
CA LEU B 143 -9.98 -26.25 -3.40
C LEU B 143 -8.79 -27.21 -3.27
N ASP B 144 -7.57 -26.66 -3.46
CA ASP B 144 -6.30 -27.41 -3.58
C ASP B 144 -6.16 -28.24 -4.84
N GLY B 145 -7.31 -28.62 -5.44
CA GLY B 145 -7.44 -29.28 -6.72
C GLY B 145 -7.08 -28.29 -7.83
N GLY B 146 -7.66 -28.41 -9.02
CA GLY B 146 -7.14 -27.71 -10.18
C GLY B 146 -5.86 -28.42 -10.59
N PRO B 147 -5.59 -28.52 -11.87
CA PRO B 147 -4.50 -29.32 -12.39
C PRO B 147 -3.05 -29.01 -11.95
N VAL B 148 -2.23 -29.99 -11.59
CA VAL B 148 -0.81 -29.77 -11.25
C VAL B 148 0.00 -29.53 -12.52
N ILE B 149 0.95 -28.61 -12.40
CA ILE B 149 1.84 -28.25 -13.47
C ILE B 149 3.25 -28.79 -13.18
N LEU B 150 3.77 -28.72 -11.97
CA LEU B 150 5.12 -29.14 -11.65
C LEU B 150 5.22 -29.30 -10.14
N GLN B 151 5.81 -30.41 -9.75
CA GLN B 151 5.95 -30.78 -8.36
C GLN B 151 7.42 -30.99 -8.07
N ALA B 152 7.78 -31.09 -6.79
CA ALA B 152 9.12 -31.44 -6.41
C ALA B 152 8.90 -32.09 -5.08
N LYS B 153 9.34 -33.36 -5.04
CA LYS B 153 9.29 -34.24 -3.87
C LYS B 153 10.49 -33.87 -3.01
N VAL B 154 10.36 -33.80 -1.68
CA VAL B 154 11.48 -33.45 -0.82
C VAL B 154 11.61 -34.57 0.20
N PRO B 155 12.68 -35.36 0.09
CA PRO B 155 13.02 -36.39 1.04
C PRO B 155 13.42 -35.83 2.41
N VAL B 156 13.02 -36.50 3.49
CA VAL B 156 13.39 -36.16 4.85
C VAL B 156 14.05 -37.39 5.48
N PHE B 157 15.13 -37.16 6.20
CA PHE B 157 15.91 -38.23 6.79
C PHE B 157 15.77 -38.12 8.29
N ALA B 158 16.28 -39.06 9.08
CA ALA B 158 16.23 -38.88 10.51
C ALA B 158 17.27 -37.82 10.87
N GLY B 159 16.88 -36.94 11.77
CA GLY B 159 17.77 -35.89 12.19
C GLY B 159 17.19 -34.53 11.85
N ASP B 160 16.89 -34.30 10.56
CA ASP B 160 16.37 -33.00 10.27
C ASP B 160 14.91 -32.93 10.64
N SER B 161 14.88 -31.80 11.30
CA SER B 161 13.75 -31.28 12.01
C SER B 161 12.68 -30.79 11.07
N GLU B 162 11.47 -30.53 11.61
CA GLU B 162 10.37 -29.96 10.85
C GLU B 162 10.76 -28.65 10.23
N ASP B 163 11.47 -27.82 10.96
CA ASP B 163 11.98 -26.61 10.37
C ASP B 163 12.94 -26.84 9.21
N ASP B 164 13.78 -27.89 9.28
CA ASP B 164 14.68 -28.15 8.17
C ASP B 164 13.92 -28.73 7.00
N ILE B 165 12.76 -29.35 7.25
CA ILE B 165 11.94 -29.85 6.17
C ILE B 165 11.48 -28.59 5.48
N THR B 166 10.85 -27.69 6.24
CA THR B 166 10.29 -26.46 5.71
C THR B 166 11.29 -25.72 4.87
N ALA B 167 12.50 -25.61 5.39
CA ALA B 167 13.52 -24.88 4.70
C ALA B 167 13.86 -25.55 3.37
N ARG B 168 13.86 -26.89 3.33
CA ARG B 168 14.13 -27.60 2.08
C ARG B 168 12.99 -27.50 1.07
N VAL B 169 11.73 -27.62 1.53
CA VAL B 169 10.54 -27.45 0.71
C VAL B 169 10.58 -26.03 0.16
N GLN B 170 10.96 -25.03 0.96
CA GLN B 170 11.05 -23.65 0.50
C GLN B 170 12.06 -23.41 -0.59
N THR B 171 13.22 -24.08 -0.56
CA THR B 171 14.23 -23.98 -1.62
C THR B 171 13.71 -24.50 -2.95
N GLN B 172 12.90 -25.55 -2.84
CA GLN B 172 12.23 -26.07 -4.00
C GLN B 172 11.12 -25.14 -4.49
N GLU B 173 10.30 -24.55 -3.61
CA GLU B 173 9.24 -23.62 -4.00
C GLU B 173 9.86 -22.52 -4.81
N HIS B 174 11.02 -22.02 -4.39
CA HIS B 174 11.66 -20.93 -5.12
C HIS B 174 12.27 -21.30 -6.47
N ALA B 175 12.35 -22.60 -6.73
CA ALA B 175 12.86 -23.15 -7.97
C ALA B 175 11.70 -23.43 -8.89
N ILE B 176 10.66 -24.14 -8.44
CA ILE B 176 9.59 -24.49 -9.36
C ILE B 176 8.62 -23.38 -9.67
N TYR B 177 8.27 -22.48 -8.75
CA TYR B 177 7.29 -21.47 -9.08
C TYR B 177 7.82 -20.42 -10.03
N PRO B 178 9.03 -19.81 -9.94
CA PRO B 178 9.55 -18.97 -11.02
C PRO B 178 9.61 -19.75 -12.35
N LEU B 179 9.77 -21.09 -12.33
CA LEU B 179 9.82 -21.90 -13.52
C LEU B 179 8.45 -22.06 -14.19
N VAL B 180 7.37 -22.42 -13.48
CA VAL B 180 6.01 -22.44 -14.05
C VAL B 180 5.64 -21.06 -14.56
N ILE B 181 5.90 -20.01 -13.78
CA ILE B 181 5.62 -18.66 -14.22
C ILE B 181 6.41 -18.35 -15.49
N SER B 182 7.68 -18.75 -15.61
CA SER B 182 8.47 -18.61 -16.83
C SER B 182 7.75 -19.24 -18.01
N TRP B 183 7.22 -20.46 -17.90
CA TRP B 183 6.52 -21.13 -19.00
C TRP B 183 5.22 -20.42 -19.37
N PHE B 184 4.49 -19.94 -18.36
CA PHE B 184 3.26 -19.20 -18.57
C PHE B 184 3.59 -17.88 -19.26
N ALA B 185 4.68 -17.19 -18.91
CA ALA B 185 5.05 -15.95 -19.57
C ALA B 185 5.35 -16.20 -21.05
N ASP B 186 6.00 -17.32 -21.41
CA ASP B 186 6.31 -17.62 -22.79
C ASP B 186 5.15 -18.22 -23.57
N GLY B 187 3.91 -18.14 -23.09
CA GLY B 187 2.75 -18.67 -23.82
C GLY B 187 2.77 -20.17 -24.07
N ARG B 188 3.59 -20.88 -23.29
CA ARG B 188 3.77 -22.33 -23.38
C ARG B 188 2.88 -23.15 -22.46
N LEU B 189 2.32 -22.52 -21.44
CA LEU B 189 1.48 -23.23 -20.48
C LEU B 189 0.05 -22.71 -20.53
N LYS B 190 -0.93 -23.59 -20.67
CA LYS B 190 -2.32 -23.21 -20.74
C LYS B 190 -3.15 -24.21 -19.96
N MET B 191 -4.32 -23.80 -19.53
CA MET B 191 -5.22 -24.70 -18.84
C MET B 191 -6.42 -24.86 -19.77
N HIS B 192 -6.91 -26.08 -20.02
CA HIS B 192 -8.15 -26.23 -20.77
C HIS B 192 -8.78 -27.45 -20.10
N GLU B 193 -10.09 -27.44 -19.90
CA GLU B 193 -10.85 -28.55 -19.35
C GLU B 193 -10.27 -29.33 -18.18
N ASN B 194 -9.96 -28.48 -17.20
CA ASN B 194 -9.33 -28.86 -15.94
C ASN B 194 -8.05 -29.72 -16.10
N ALA B 195 -7.29 -29.42 -17.16
CA ALA B 195 -5.98 -29.99 -17.44
C ALA B 195 -5.02 -28.89 -17.89
N ALA B 196 -3.75 -29.02 -17.49
CA ALA B 196 -2.69 -28.10 -17.85
C ALA B 196 -2.06 -28.72 -19.08
N TRP B 197 -1.60 -27.88 -19.99
CA TRP B 197 -1.11 -28.31 -21.27
C TRP B 197 0.10 -27.46 -21.52
N LEU B 198 1.27 -28.07 -21.54
CA LEU B 198 2.51 -27.39 -21.82
C LEU B 198 2.86 -27.71 -23.26
N ASP B 199 3.16 -26.73 -24.11
CA ASP B 199 3.48 -26.89 -25.54
C ASP B 199 2.49 -27.83 -26.25
N GLY B 200 1.20 -27.78 -25.93
CA GLY B 200 0.19 -28.66 -26.50
C GLY B 200 0.03 -29.97 -25.73
N GLN B 201 1.14 -30.49 -25.21
CA GLN B 201 1.16 -31.76 -24.52
C GLN B 201 0.44 -31.56 -23.21
N ARG B 202 -0.44 -32.51 -22.93
CA ARG B 202 -1.22 -32.60 -21.73
C ARG B 202 -0.31 -33.15 -20.66
N LEU B 203 -0.22 -32.42 -19.56
CA LEU B 203 0.59 -32.84 -18.46
C LEU B 203 -0.10 -33.92 -17.64
N PRO B 204 0.61 -34.93 -17.12
CA PRO B 204 0.04 -35.99 -16.33
C PRO B 204 -0.26 -35.51 -14.92
N PRO B 205 -0.98 -36.26 -14.06
CA PRO B 205 -1.48 -35.80 -12.76
C PRO B 205 -0.48 -35.08 -11.85
N GLN B 206 0.75 -35.52 -11.94
CA GLN B 206 1.83 -34.99 -11.14
C GLN B 206 2.64 -33.89 -11.83
N GLY B 207 2.11 -33.42 -12.93
CA GLY B 207 2.71 -32.40 -13.76
C GLY B 207 3.90 -32.92 -14.54
N TYR B 208 4.69 -31.98 -15.05
CA TYR B 208 6.01 -32.27 -15.62
C TYR B 208 6.85 -32.93 -14.51
N ALA B 209 7.83 -33.74 -14.92
CA ALA B 209 8.80 -34.37 -14.04
C ALA B 209 8.28 -34.93 -12.71
N U89 C . 3.43 18.59 -7.51
N U89 C . 3.28 19.39 -7.43
CA U89 C . 3.89 18.00 -8.78
CA U89 C . 3.71 18.93 -8.77
CB U89 C . 2.63 17.83 -9.63
CB U89 C . 2.40 18.56 -9.50
CG U89 C . 1.91 16.68 -8.98
CG U89 C . 1.86 17.35 -8.77
CD U89 C . 0.59 16.34 -9.61
CD U89 C . 0.79 16.61 -9.49
OE1 U89 C . -0.35 17.06 -9.33
OE1 U89 C . -0.36 17.01 -9.34
OE2 U89 C . 0.50 15.34 -10.32
OE2 U89 C . 1.07 15.61 -10.14
C U89 C . 5.04 18.69 -9.57
C U89 C . 4.64 19.78 -9.68
OT1 U89 C . 6.07 18.93 -8.94
OT1 U89 C . 5.43 20.59 -9.16
OT2 U89 C . 4.95 18.95 -10.78
OT2 U89 C . 4.67 19.59 -10.90
C1 U89 C . 6.85 15.88 4.44
C1 U89 C . 6.60 16.10 4.66
C2 U89 C . 5.93 16.90 5.11
C2 U89 C . 5.39 16.88 5.22
C3 U89 C . 6.57 18.27 5.15
C3 U89 C . 5.79 18.24 5.70
C4 U89 C . 6.60 18.90 3.77
C4 U89 C . 6.30 19.07 4.56
N5 U89 C . 5.26 19.17 3.27
N5 U89 C . 5.21 19.46 3.68
C6 U89 C . 5.06 20.05 2.27
C6 U89 C . 5.46 19.91 2.44
O6 U89 C . 5.98 20.71 1.79
O6 U89 C . 6.61 20.03 2.01
C7 U89 C . 3.64 20.23 1.75
C7 U89 C . 4.20 20.27 1.66
S U89 C . 3.38 19.14 0.34
S U89 C . 4.43 21.47 0.33
C8 U89 C . 3.53 20.36 -0.99
C8 U89 C . 3.25 20.59 -0.71
C9 U89 C . 2.42 21.41 -1.25
C9 U89 C . 1.90 21.31 -0.78
O9 U89 C . 2.44 22.44 -0.55
O9 U89 C . 1.43 21.61 0.33
N10 U89 C . 1.54 21.31 -2.29
N10 U89 C . 1.33 21.75 -1.97
C11 U89 C . 0.35 22.20 -2.36
C11 U89 C . 0.12 22.59 -2.00
C12 U89 C . -0.59 22.04 -1.16
C12 U89 C . -1.03 22.14 -1.11
C13 U89 C . -1.65 20.91 -1.12
C13 U89 C . -1.75 20.84 -1.46
C14 U89 C . -2.80 21.03 -2.12
C14 U89 C . -3.10 20.91 -2.17
C15 U89 C . -3.64 22.16 -2.11
C15 U89 C . -3.97 22.02 -2.03
O15 U89 C . -3.57 23.11 -1.32
O15 U89 C . -3.79 23.05 -1.38
N16 U89 C . -4.63 22.13 -3.09
N16 U89 C . -5.18 21.88 -2.72
C17 U89 C . -4.76 21.11 -4.00
C17 U89 C . -5.48 20.77 -3.47
N18 U89 C . -5.72 21.18 -4.91
N18 U89 C . -6.66 20.70 -4.07
N19 U89 C . -3.95 20.05 -3.96
N19 U89 C . -4.62 19.77 -3.57
C20 U89 C . -3.01 20.02 -2.99
C20 U89 C . -3.45 19.85 -2.94
N21 U89 C . -2.23 18.94 -2.96
N21 U89 C . -2.64 18.82 -3.10
C22 U89 C . 1.89 20.92 -3.54
C22 U89 C . 1.73 21.38 -3.23
C23 U89 C . 3.13 21.17 -4.03
C23 U89 C . 1.75 22.33 -4.17
C24 U89 C . 3.48 20.77 -5.27
C24 U89 C . 2.07 22.05 -5.44
C25 U89 C . 2.59 20.13 -6.04
C25 U89 C . 2.40 20.80 -5.81
C26 U89 C . 1.37 19.86 -5.56
C26 U89 C . 2.38 19.82 -4.87
C27 U89 C . 1.02 20.25 -4.33
C27 U89 C . 2.06 20.11 -3.59
C28 U89 C . 2.92 19.83 -7.37
C28 U89 C . 2.72 20.60 -7.17
O28 U89 C . 2.75 20.66 -8.28
O28 U89 C . 2.49 21.46 -8.03
OP4 U89 C . 7.77 15.29 5.37
OP4 U89 C . 7.46 15.56 5.67
P U89 C . 7.43 13.88 6.06
P U89 C . 7.37 14.03 6.13
OP1 U89 C . 7.18 12.90 4.81
OP1 U89 C . 7.29 13.16 4.78
OP2 U89 C . 6.18 14.01 6.84
OP2 U89 C . 6.12 13.88 6.90
OP3 U89 C . 8.62 13.39 6.77
OP3 U89 C . 8.62 13.63 6.80
N U89 D . -7.54 -20.47 5.27
N U89 D . -7.58 -20.81 5.44
CA U89 D . -8.21 -19.90 6.44
CA U89 D . -8.23 -20.27 6.63
CB U89 D . -9.57 -19.44 5.93
CB U89 D . -9.57 -19.71 6.13
CG U89 D . -9.33 -18.19 5.10
CG U89 D . -9.28 -18.49 5.25
CD U89 D . -10.57 -17.59 4.47
CD U89 D . -10.52 -17.81 4.71
OE1 U89 D . -11.02 -16.53 4.90
OE1 U89 D . -11.00 -16.86 5.33
OE2 U89 D . -11.07 -18.17 3.52
OE2 U89 D . -10.97 -18.18 3.63
C U89 D . -8.35 -20.61 7.81
C U89 D . -8.40 -21.12 7.92
OT1 U89 D . -9.45 -21.00 8.27
OT1 U89 D . -9.34 -20.89 8.73
OT2 U89 D . -7.29 -20.70 8.47
OT2 U89 D . -7.52 -21.96 8.13
C1 U89 D . 4.48 -18.78 1.60
C1 U89 D . 4.42 -18.75 1.88
C2 U89 D . 3.98 -20.20 1.77
C2 U89 D . 3.93 -20.18 1.71
C3 U89 D . 4.03 -20.95 0.47
C3 U89 D . 4.17 -20.65 0.30
C4 U89 D . 3.46 -22.35 0.64
C4 U89 D . 3.54 -22.01 0.07
N5 U89 D . 2.02 -22.44 0.47
N5 U89 D . 2.09 -21.95 0.00
C6 U89 D . 1.17 -22.28 1.48
C6 U89 D . 1.33 -22.49 0.94
O6 U89 D . 1.58 -21.97 2.61
O6 U89 D . 1.85 -23.00 1.94
C7 U89 D . -0.32 -22.47 1.22
C7 U89 D . -0.18 -22.47 0.78
S U89 D . -1.04 -23.96 1.97
S U89 D . -0.95 -20.88 1.16
C8 U89 D . -2.79 -23.52 1.92
C8 U89 D . -2.68 -21.32 1.43
C9 U89 D . -3.42 -23.39 0.52
C9 U89 D . -3.34 -22.19 0.34
O9 U89 D . -2.80 -23.82 -0.46
O9 U89 D . -2.82 -22.30 -0.77
N10 U89 D . -4.68 -22.96 0.33
N10 U89 D . -4.44 -22.92 0.61
C11 U89 D . -5.21 -22.87 -1.01
C11 U89 D . -4.77 -23.99 -0.32
C12 U89 D . -4.76 -21.52 -1.61
C12 U89 D . -5.86 -23.55 -1.29
C13 U89 D . -5.28 -21.34 -3.05
C13 U89 D . -5.47 -22.67 -2.48
C14 U89 D . -6.78 -21.37 -3.25
C14 U89 D . -6.72 -22.07 -3.09
C15 U89 D . -7.35 -22.49 -3.88
C15 U89 D . -7.42 -22.87 -4.00
O15 U89 D . -6.73 -23.48 -4.31
O15 U89 D . -7.07 -23.96 -4.46
N16 U89 D . -8.72 -22.41 -4.02
N16 U89 D . -8.60 -22.29 -4.41
C17 U89 D . -9.47 -21.36 -3.56
C17 U89 D . -9.07 -21.07 -3.96
N18 U89 D . -10.79 -21.36 -3.73
N18 U89 D . -10.24 -20.63 -4.40
N19 U89 D . -8.88 -20.33 -2.96
N19 U89 D . -8.35 -20.35 -3.10
C20 U89 D . -7.55 -20.35 -2.80
C20 U89 D . -7.20 -20.86 -2.66
N21 U89 D . -7.03 -19.27 -2.20
N21 U89 D . -6.52 -20.06 -1.83
C22 U89 D . -5.46 -22.56 1.36
C22 U89 D . -5.35 -22.61 1.57
C23 U89 D . -5.19 -21.45 2.07
C23 U89 D . -5.81 -21.36 1.80
C24 U89 D . -5.98 -21.13 3.13
C24 U89 D . -6.67 -21.13 2.83
C25 U89 D . -7.02 -21.91 3.50
C25 U89 D . -7.09 -22.14 3.63
C26 U89 D . -7.27 -23.02 2.76
C26 U89 D . -6.64 -23.37 3.37
C27 U89 D . -6.49 -23.34 1.70
C27 U89 D . -5.77 -23.60 2.36
C28 U89 D . -7.87 -21.61 4.61
C28 U89 D . -7.92 -21.92 4.75
O28 U89 D . -8.82 -22.35 4.93
O28 U89 D . -8.86 -22.67 5.05
OP4 U89 D . 5.86 -18.58 1.93
OP4 U89 D . 5.85 -18.59 1.95
P U89 D . 6.55 -17.17 1.66
P U89 D . 6.53 -17.17 1.67
OP1 U89 D . 5.48 -16.16 2.31
OP1 U89 D . 5.47 -16.15 2.32
OP2 U89 D . 6.66 -16.96 0.21
OP2 U89 D . 6.62 -16.97 0.20
OP3 U89 D . 7.79 -17.01 2.44
OP3 U89 D . 7.78 -17.01 2.44
#